data_3W59
#
_entry.id   3W59
#
_cell.length_a   58.140
_cell.length_b   111.557
_cell.length_c   117.192
_cell.angle_alpha   90.00
_cell.angle_beta   90.00
_cell.angle_gamma   90.00
#
_symmetry.space_group_name_H-M   'P 21 21 21'
#
loop_
_entity.id
_entity.type
_entity.pdbx_description
1 polymer Galectin-1
2 non-polymer 'SULFATE ION'
3 non-polymer BETA-MERCAPTOETHANOL
4 non-polymer GLYCEROL
5 water water
#
_entity_poly.entity_id   1
_entity_poly.type   'polypeptide(L)'
_entity_poly.pdbx_seq_one_letter_code
;ACGLVASNLNLKPGECLRVRGEVAPDAKSFVLNLGKDSNNLCLHFNPRFNAHGDANTIVCNSKDGGAWGTEQREAVFPFQ
PGSVAEVCITFDQANLTVKLPDGYEFKFPNRLNLEAINYMAADGDFKIKCVAFD
;
_entity_poly.pdbx_strand_id   A,B,C,D
#
loop_
_chem_comp.id
_chem_comp.type
_chem_comp.name
_chem_comp.formula
BME non-polymer BETA-MERCAPTOETHANOL 'C2 H6 O S'
GOL non-polymer GLYCEROL 'C3 H8 O3'
SO4 non-polymer 'SULFATE ION' 'O4 S -2'
#
# COMPACT_ATOMS: atom_id res chain seq x y z
N GLY A 3 16.28 -20.85 4.99
CA GLY A 3 15.78 -20.04 3.84
C GLY A 3 16.04 -18.54 4.04
N LEU A 4 15.51 -17.74 3.13
CA LEU A 4 15.67 -16.30 3.18
C LEU A 4 15.25 -15.70 4.52
N VAL A 5 16.04 -14.76 5.02
CA VAL A 5 15.74 -14.06 6.27
C VAL A 5 15.86 -12.58 5.93
N ALA A 6 14.78 -11.85 6.13
CA ALA A 6 14.79 -10.41 5.84
C ALA A 6 14.36 -9.63 7.08
N SER A 7 15.01 -8.50 7.33
CA SER A 7 14.67 -7.67 8.48
C SER A 7 14.57 -6.21 8.04
N ASN A 8 13.98 -5.37 8.89
CA ASN A 8 13.79 -3.95 8.58
C ASN A 8 12.82 -3.81 7.42
N LEU A 9 11.84 -4.69 7.34
CA LEU A 9 10.84 -4.65 6.26
C LEU A 9 9.94 -3.43 6.36
N ASN A 10 9.66 -3.03 7.60
CA ASN A 10 8.79 -1.90 7.90
C ASN A 10 7.49 -1.90 7.11
N LEU A 11 6.84 -3.06 7.07
CA LEU A 11 5.58 -3.18 6.36
C LEU A 11 4.52 -2.54 7.25
N LYS A 12 3.78 -1.59 6.71
CA LYS A 12 2.76 -0.91 7.48
C LYS A 12 1.35 -1.18 6.96
N PRO A 13 0.33 -0.84 7.76
CA PRO A 13 -1.05 -1.07 7.31
C PRO A 13 -1.27 -0.33 5.99
N GLY A 14 -2.03 -0.93 5.09
CA GLY A 14 -2.29 -0.29 3.81
C GLY A 14 -1.31 -0.71 2.73
N GLU A 15 -0.28 -1.48 3.11
CA GLU A 15 0.72 -1.94 2.15
C GLU A 15 0.57 -3.45 1.99
N CYS A 16 1.08 -4.00 0.88
CA CYS A 16 0.98 -5.42 0.64
C CYS A 16 2.37 -6.03 0.46
N LEU A 17 2.61 -7.14 1.14
CA LEU A 17 3.88 -7.82 1.02
C LEU A 17 3.66 -9.01 0.10
N ARG A 18 4.33 -9.03 -1.04
CA ARG A 18 4.17 -10.14 -1.97
C ARG A 18 5.44 -10.99 -1.98
N VAL A 19 5.24 -12.29 -1.80
CA VAL A 19 6.35 -13.24 -1.79
C VAL A 19 6.10 -14.36 -2.80
N ARG A 20 6.99 -14.52 -3.76
CA ARG A 20 6.84 -15.59 -4.75
C ARG A 20 8.08 -16.47 -4.71
N GLY A 21 7.86 -17.78 -4.82
CA GLY A 21 8.98 -18.70 -4.77
C GLY A 21 8.74 -20.06 -5.39
N GLU A 22 9.67 -20.97 -5.14
CA GLU A 22 9.61 -22.33 -5.66
C GLU A 22 9.43 -23.35 -4.55
N VAL A 23 8.38 -24.16 -4.68
CA VAL A 23 8.10 -25.22 -3.72
C VAL A 23 8.95 -26.39 -4.22
N ALA A 24 9.80 -26.95 -3.37
CA ALA A 24 10.66 -28.06 -3.76
C ALA A 24 9.89 -29.23 -4.38
N PRO A 25 10.48 -29.89 -5.39
CA PRO A 25 9.87 -31.03 -6.10
C PRO A 25 9.34 -32.13 -5.17
N ASP A 26 10.10 -32.45 -4.12
CA ASP A 26 9.68 -33.49 -3.17
C ASP A 26 9.38 -32.88 -1.80
N ALA A 27 8.83 -31.67 -1.81
CA ALA A 27 8.51 -30.97 -0.58
C ALA A 27 7.64 -31.73 0.41
N LYS A 28 7.99 -31.62 1.69
CA LYS A 28 7.22 -32.24 2.77
C LYS A 28 6.45 -31.11 3.45
N SER A 29 7.10 -29.95 3.55
CA SER A 29 6.47 -28.77 4.10
C SER A 29 7.40 -27.55 4.02
N PHE A 30 6.78 -26.36 4.15
CA PHE A 30 7.58 -25.16 4.21
C PHE A 30 6.96 -24.11 5.16
N VAL A 31 7.81 -23.18 5.63
CA VAL A 31 7.32 -22.18 6.58
C VAL A 31 7.63 -20.77 6.13
N LEU A 32 6.72 -19.86 6.48
CA LEU A 32 6.87 -18.44 6.25
C LEU A 32 6.54 -17.79 7.59
N ASN A 33 7.54 -17.17 8.22
CA ASN A 33 7.32 -16.50 9.51
C ASN A 33 7.40 -14.99 9.32
N LEU A 34 6.42 -14.29 9.88
CA LEU A 34 6.36 -12.83 9.82
C LEU A 34 6.15 -12.28 11.21
N GLY A 35 6.73 -11.11 11.48
CA GLY A 35 6.55 -10.50 12.79
C GLY A 35 7.53 -9.38 13.09
N LYS A 36 7.83 -9.21 14.38
CA LYS A 36 8.78 -8.20 14.84
C LYS A 36 10.21 -8.74 14.79
N ASP A 37 10.34 -9.98 15.31
CA ASP A 37 11.60 -10.72 15.23
C ASP A 37 11.36 -12.22 15.42
N SER A 38 12.47 -12.98 15.54
CA SER A 38 12.32 -14.44 15.58
C SER A 38 11.48 -14.93 16.78
N ASN A 39 11.39 -14.14 17.85
CA ASN A 39 10.63 -14.55 19.03
C ASN A 39 9.21 -13.98 19.09
N ASN A 40 8.90 -13.06 18.18
CA ASN A 40 7.60 -12.43 18.14
C ASN A 40 7.04 -12.46 16.72
N LEU A 41 6.25 -13.48 16.44
CA LEU A 41 5.67 -13.69 15.12
C LEU A 41 4.18 -13.41 15.11
N CYS A 42 3.75 -12.45 14.26
CA CYS A 42 2.33 -12.31 14.09
C CYS A 42 1.74 -13.48 13.28
N LEU A 43 2.61 -14.08 12.43
CA LEU A 43 2.15 -15.20 11.64
C LEU A 43 3.26 -16.23 11.37
N HIS A 44 2.97 -17.46 11.82
CA HIS A 44 3.72 -18.64 11.42
C HIS A 44 2.89 -19.44 10.40
N PHE A 45 3.19 -19.22 9.10
CA PHE A 45 2.46 -19.88 8.03
C PHE A 45 3.15 -21.17 7.61
N ASN A 46 2.53 -22.31 7.92
CA ASN A 46 3.16 -23.60 7.66
C ASN A 46 2.39 -24.63 6.81
N PRO A 47 2.48 -24.53 5.47
CA PRO A 47 1.77 -25.50 4.63
C PRO A 47 2.49 -26.85 4.77
N ARG A 48 1.73 -27.92 5.01
CA ARG A 48 2.32 -29.25 5.16
C ARG A 48 1.80 -30.17 4.07
N PHE A 49 2.71 -30.73 3.28
CA PHE A 49 2.34 -31.66 2.23
C PHE A 49 2.24 -33.02 2.90
N ASN A 50 3.23 -33.30 3.76
CA ASN A 50 3.28 -34.53 4.57
C ASN A 50 4.33 -34.29 5.63
N ALA A 51 3.87 -33.91 6.82
CA ALA A 51 4.78 -33.65 7.93
C ALA A 51 4.01 -33.79 9.24
N HIS A 52 4.69 -34.33 10.24
CA HIS A 52 4.09 -34.51 11.55
C HIS A 52 2.75 -35.22 11.45
N GLY A 53 2.66 -36.17 10.53
CA GLY A 53 1.43 -36.91 10.35
C GLY A 53 0.32 -36.21 9.58
N ASP A 54 0.56 -34.99 9.14
CA ASP A 54 -0.47 -34.26 8.38
C ASP A 54 -0.21 -34.24 6.87
N ALA A 55 -1.29 -34.34 6.10
CA ALA A 55 -1.19 -34.31 4.64
C ALA A 55 -1.97 -33.13 4.08
N ASN A 56 -1.32 -32.37 3.20
CA ASN A 56 -1.96 -31.22 2.56
C ASN A 56 -2.78 -30.34 3.50
N THR A 57 -2.15 -29.74 4.50
CA THR A 57 -2.88 -28.86 5.39
C THR A 57 -2.02 -27.68 5.80
N ILE A 58 -2.62 -26.50 5.81
CA ILE A 58 -1.90 -25.31 6.22
C ILE A 58 -2.13 -25.15 7.72
N VAL A 59 -1.04 -25.05 8.46
CA VAL A 59 -1.09 -24.88 9.90
C VAL A 59 -0.61 -23.46 10.19
N CYS A 60 -1.35 -22.71 11.00
CA CYS A 60 -1.00 -21.35 11.36
C CYS A 60 -0.98 -21.17 12.88
N ASN A 61 -0.13 -20.21 13.31
CA ASN A 61 -0.07 -19.87 14.72
C ASN A 61 0.69 -18.55 14.88
N SER A 62 0.66 -18.03 16.12
CA SER A 62 1.49 -16.89 16.43
C SER A 62 2.50 -17.26 17.51
N LYS A 63 3.50 -16.38 17.67
CA LYS A 63 4.43 -16.58 18.76
C LYS A 63 4.68 -15.26 19.48
N ASP A 64 4.46 -15.24 20.79
CA ASP A 64 4.61 -14.02 21.56
C ASP A 64 5.64 -14.21 22.67
N GLY A 65 6.73 -13.44 22.59
CA GLY A 65 7.79 -13.57 23.59
C GLY A 65 8.30 -15.00 23.68
N GLY A 66 8.35 -15.68 22.53
CA GLY A 66 8.83 -17.05 22.49
C GLY A 66 7.75 -18.10 22.72
N ALA A 67 6.58 -17.67 23.17
CA ALA A 67 5.49 -18.61 23.45
C ALA A 67 4.51 -18.78 22.28
N TRP A 68 4.34 -20.03 21.82
CA TRP A 68 3.41 -20.30 20.74
C TRP A 68 1.98 -20.08 21.23
N GLY A 69 1.13 -19.51 20.37
CA GLY A 69 -0.25 -19.28 20.75
C GLY A 69 -1.10 -20.48 20.39
N THR A 70 -2.39 -20.26 20.15
CA THR A 70 -3.28 -21.36 19.80
C THR A 70 -3.21 -21.64 18.30
N GLU A 71 -2.80 -22.87 17.99
CA GLU A 71 -2.64 -23.34 16.63
C GLU A 71 -3.95 -23.58 15.91
N GLN A 72 -3.95 -23.41 14.60
CA GLN A 72 -5.16 -23.67 13.83
C GLN A 72 -4.84 -24.14 12.42
N ARG A 73 -5.62 -25.11 11.97
CA ARG A 73 -5.47 -25.66 10.63
C ARG A 73 -6.43 -24.85 9.76
N GLU A 74 -6.00 -24.51 8.54
CA GLU A 74 -6.86 -23.74 7.63
C GLU A 74 -7.71 -24.69 6.79
N ALA A 75 -8.70 -24.13 6.10
CA ALA A 75 -9.62 -24.92 5.31
C ALA A 75 -9.16 -25.37 3.92
N VAL A 76 -8.21 -24.66 3.33
CA VAL A 76 -7.74 -25.01 1.98
C VAL A 76 -6.23 -25.25 1.86
N PHE A 77 -5.84 -25.92 0.79
CA PHE A 77 -4.43 -26.21 0.51
C PHE A 77 -4.19 -26.06 -1.00
N PRO A 78 -3.96 -24.82 -1.46
CA PRO A 78 -3.72 -24.57 -2.89
C PRO A 78 -2.25 -24.54 -3.28
N PHE A 79 -1.48 -25.53 -2.80
CA PHE A 79 -0.06 -25.62 -3.10
C PHE A 79 0.23 -26.98 -3.72
N GLN A 80 1.26 -27.04 -4.55
CA GLN A 80 1.66 -28.28 -5.21
C GLN A 80 3.18 -28.45 -5.16
N PRO A 81 3.64 -29.70 -5.00
CA PRO A 81 5.09 -29.94 -4.95
C PRO A 81 5.74 -29.44 -6.23
N GLY A 82 7.01 -29.07 -6.14
CA GLY A 82 7.74 -28.60 -7.31
C GLY A 82 6.97 -27.67 -8.24
N SER A 83 6.70 -26.45 -7.76
CA SER A 83 5.97 -25.48 -8.58
C SER A 83 6.12 -24.08 -7.97
N VAL A 84 5.71 -23.08 -8.74
CA VAL A 84 5.78 -21.69 -8.29
C VAL A 84 4.54 -21.34 -7.48
N ALA A 85 4.73 -20.54 -6.44
CA ALA A 85 3.61 -20.13 -5.61
C ALA A 85 3.88 -18.73 -5.04
N GLU A 86 2.83 -17.93 -4.96
CA GLU A 86 2.94 -16.58 -4.41
C GLU A 86 1.95 -16.40 -3.28
N VAL A 87 2.42 -15.80 -2.19
CA VAL A 87 1.57 -15.50 -1.04
C VAL A 87 1.65 -14.00 -0.83
N CYS A 88 0.51 -13.38 -0.55
CA CYS A 88 0.47 -11.93 -0.34
C CYS A 88 -0.14 -11.63 1.02
N ILE A 89 0.52 -10.78 1.78
CA ILE A 89 0.03 -10.45 3.12
C ILE A 89 -0.18 -8.95 3.30
N THR A 90 -1.36 -8.63 3.86
CA THR A 90 -1.61 -7.30 4.38
C THR A 90 -2.16 -7.41 5.80
N PHE A 91 -2.11 -6.30 6.54
CA PHE A 91 -2.69 -6.34 7.88
C PHE A 91 -3.19 -4.99 8.37
N ASP A 92 -4.06 -5.07 9.39
CA ASP A 92 -4.44 -3.89 10.14
C ASP A 92 -4.45 -4.18 11.65
N GLN A 93 -4.99 -3.23 12.42
CA GLN A 93 -4.96 -3.41 13.87
C GLN A 93 -5.53 -4.78 14.31
N ALA A 94 -6.62 -5.23 13.70
CA ALA A 94 -7.25 -6.48 14.13
C ALA A 94 -6.88 -7.79 13.44
N ASN A 95 -6.56 -7.74 12.16
CA ASN A 95 -6.27 -9.00 11.48
C ASN A 95 -5.18 -8.86 10.40
N LEU A 96 -4.55 -10.02 10.13
CA LEU A 96 -3.74 -10.15 8.92
C LEU A 96 -4.58 -10.80 7.81
N THR A 97 -4.40 -10.30 6.57
CA THR A 97 -5.05 -10.99 5.47
C THR A 97 -4.03 -11.74 4.63
N VAL A 98 -4.23 -13.05 4.48
CA VAL A 98 -3.30 -13.88 3.71
C VAL A 98 -3.96 -14.33 2.41
N LYS A 99 -3.43 -13.86 1.27
CA LYS A 99 -3.95 -14.26 -0.03
C LYS A 99 -3.07 -15.35 -0.61
N LEU A 100 -3.70 -16.45 -1.03
CA LEU A 100 -3.01 -17.62 -1.55
C LEU A 100 -3.27 -17.89 -3.03
N PRO A 101 -2.57 -18.88 -3.60
CA PRO A 101 -2.76 -19.22 -5.01
C PRO A 101 -4.23 -19.64 -5.22
N ASP A 102 -4.63 -19.75 -6.48
CA ASP A 102 -5.98 -20.15 -6.84
C ASP A 102 -7.11 -19.33 -6.25
N GLY A 103 -6.87 -18.04 -6.07
CA GLY A 103 -7.90 -17.15 -5.55
C GLY A 103 -8.44 -17.39 -4.15
N TYR A 104 -7.66 -18.07 -3.31
CA TYR A 104 -8.09 -18.34 -1.94
C TYR A 104 -7.43 -17.36 -0.97
N GLU A 105 -8.06 -17.14 0.18
CA GLU A 105 -7.50 -16.24 1.17
C GLU A 105 -8.20 -16.45 2.50
N PHE A 106 -7.52 -16.06 3.58
CA PHE A 106 -8.10 -16.18 4.91
C PHE A 106 -7.48 -15.12 5.82
N LYS A 107 -8.19 -14.80 6.88
CA LYS A 107 -7.72 -13.80 7.83
C LYS A 107 -7.21 -14.49 9.09
N PHE A 108 -6.23 -13.88 9.74
CA PHE A 108 -5.65 -14.44 10.95
C PHE A 108 -5.56 -13.30 11.95
N PRO A 109 -6.07 -13.50 13.17
CA PRO A 109 -6.04 -12.43 14.18
C PRO A 109 -4.64 -11.85 14.44
N ASN A 110 -4.60 -10.54 14.62
CA ASN A 110 -3.35 -9.85 14.90
C ASN A 110 -3.18 -9.90 16.43
N ARG A 111 -2.88 -11.11 16.92
CA ARG A 111 -2.71 -11.37 18.35
C ARG A 111 -1.66 -10.51 19.07
N LEU A 112 -0.59 -10.14 18.37
CA LEU A 112 0.45 -9.33 18.98
C LEU A 112 0.18 -7.84 18.90
N ASN A 113 -0.89 -7.45 18.20
CA ASN A 113 -1.20 -6.04 18.10
C ASN A 113 -0.06 -5.26 17.42
N LEU A 114 0.57 -5.95 16.44
CA LEU A 114 1.67 -5.31 15.71
C LEU A 114 1.18 -4.10 14.92
N GLU A 115 1.97 -3.00 15.01
CA GLU A 115 1.68 -1.86 14.15
C GLU A 115 2.52 -1.88 12.87
N ALA A 116 3.54 -2.76 12.86
CA ALA A 116 4.32 -2.96 11.65
C ALA A 116 4.91 -4.36 11.60
N ILE A 117 5.18 -4.83 10.38
CA ILE A 117 5.91 -6.09 10.28
C ILE A 117 7.33 -5.84 9.81
N ASN A 118 8.35 -6.18 10.59
CA ASN A 118 9.72 -5.91 10.20
C ASN A 118 10.58 -7.11 9.93
N TYR A 119 10.04 -8.30 10.17
CA TYR A 119 10.80 -9.52 10.01
C TYR A 119 10.06 -10.61 9.24
N MET A 120 10.81 -11.33 8.43
CA MET A 120 10.27 -12.44 7.64
C MET A 120 11.35 -13.50 7.47
N ALA A 121 10.97 -14.75 7.64
CA ALA A 121 11.92 -15.84 7.49
C ALA A 121 11.25 -17.02 6.81
N ALA A 122 11.94 -17.60 5.83
CA ALA A 122 11.43 -18.76 5.12
C ALA A 122 12.24 -19.99 5.54
N ASP A 123 11.55 -21.10 5.75
CA ASP A 123 12.18 -22.36 6.15
C ASP A 123 11.52 -23.50 5.38
N GLY A 124 12.22 -24.63 5.28
CA GLY A 124 11.64 -25.75 4.59
C GLY A 124 11.84 -25.77 3.09
N ASP A 125 10.98 -26.54 2.42
CA ASP A 125 11.06 -26.73 0.98
C ASP A 125 10.44 -25.63 0.12
N PHE A 126 10.86 -24.39 0.36
CA PHE A 126 10.35 -23.25 -0.40
C PHE A 126 11.46 -22.20 -0.55
N LYS A 127 11.88 -21.97 -1.79
CA LYS A 127 12.93 -21.00 -2.11
C LYS A 127 12.31 -19.70 -2.60
N ILE A 128 12.48 -18.63 -1.82
CA ILE A 128 11.95 -17.36 -2.30
C ILE A 128 12.77 -16.81 -3.48
N LYS A 129 12.02 -16.38 -4.52
CA LYS A 129 12.69 -15.85 -5.71
C LYS A 129 12.36 -14.37 -5.91
N CYS A 130 11.32 -13.87 -5.25
CA CYS A 130 10.93 -12.46 -5.40
C CYS A 130 10.14 -11.95 -4.20
N VAL A 131 10.49 -10.75 -3.75
CA VAL A 131 9.80 -10.12 -2.64
C VAL A 131 9.45 -8.70 -3.07
N ALA A 132 8.19 -8.31 -2.90
CA ALA A 132 7.77 -6.98 -3.29
C ALA A 132 6.94 -6.31 -2.21
N PHE A 133 7.04 -4.98 -2.16
CA PHE A 133 6.30 -4.18 -1.19
C PHE A 133 5.34 -3.28 -1.94
N ASP A 134 4.07 -3.32 -1.53
CA ASP A 134 3.02 -2.55 -2.17
C ASP A 134 2.74 -3.11 -3.56
N CYS B 2 19.01 2.47 8.46
CA CYS B 2 19.22 1.17 7.77
C CYS B 2 17.96 0.70 7.07
N GLY B 3 18.12 0.25 5.84
CA GLY B 3 16.98 -0.24 5.08
C GLY B 3 16.89 -1.74 5.19
N LEU B 4 16.28 -2.36 4.19
CA LEU B 4 16.11 -3.81 4.13
C LEU B 4 17.44 -4.57 4.23
N VAL B 5 17.44 -5.63 5.04
CA VAL B 5 18.60 -6.50 5.19
C VAL B 5 18.12 -7.92 4.92
N ALA B 6 18.78 -8.60 4.00
CA ALA B 6 18.38 -9.96 3.65
C ALA B 6 19.59 -10.88 3.64
N SER B 7 19.40 -12.08 4.20
CA SER B 7 20.47 -13.07 4.24
C SER B 7 19.95 -14.41 3.73
N ASN B 8 20.88 -15.31 3.39
CA ASN B 8 20.54 -16.62 2.83
C ASN B 8 19.90 -16.43 1.46
N LEU B 9 20.36 -15.42 0.71
CA LEU B 9 19.83 -15.15 -0.62
C LEU B 9 20.13 -16.27 -1.59
N ASN B 10 21.33 -16.83 -1.48
CA ASN B 10 21.79 -17.91 -2.35
C ASN B 10 21.82 -17.59 -3.85
N LEU B 11 22.26 -16.37 -4.19
CA LEU B 11 22.35 -15.99 -5.60
C LEU B 11 23.54 -16.73 -6.21
N LYS B 12 23.28 -17.52 -7.25
CA LYS B 12 24.32 -18.30 -7.90
C LYS B 12 24.86 -17.61 -9.16
N PRO B 13 26.11 -17.94 -9.55
CA PRO B 13 26.71 -17.33 -10.73
C PRO B 13 25.77 -17.45 -11.93
N GLY B 14 25.69 -16.39 -12.73
CA GLY B 14 24.80 -16.43 -13.88
C GLY B 14 23.40 -15.94 -13.56
N GLU B 15 23.00 -15.93 -12.30
CA GLU B 15 21.66 -15.45 -11.93
C GLU B 15 21.69 -13.94 -11.74
N CYS B 16 20.60 -13.28 -12.08
CA CYS B 16 20.54 -11.83 -11.96
C CYS B 16 19.78 -11.38 -10.71
N LEU B 17 20.40 -10.51 -9.93
CA LEU B 17 19.77 -9.96 -8.74
C LEU B 17 19.23 -8.60 -9.17
N ARG B 18 17.92 -8.43 -9.11
CA ARG B 18 17.33 -7.16 -9.51
C ARG B 18 16.78 -6.44 -8.29
N VAL B 19 17.19 -5.19 -8.11
CA VAL B 19 16.73 -4.42 -6.97
C VAL B 19 16.12 -3.13 -7.47
N ARG B 20 14.86 -2.92 -7.14
CA ARG B 20 14.18 -1.70 -7.54
C ARG B 20 13.77 -0.95 -6.27
N GLY B 21 13.99 0.36 -6.27
CA GLY B 21 13.62 1.14 -5.11
C GLY B 21 13.36 2.61 -5.43
N GLU B 22 12.92 3.34 -4.42
CA GLU B 22 12.62 4.76 -4.56
C GLU B 22 13.76 5.61 -3.99
N VAL B 23 14.37 6.42 -4.88
CA VAL B 23 15.34 7.41 -4.39
C VAL B 23 14.61 8.61 -3.78
N ALA B 24 14.86 8.83 -2.48
CA ALA B 24 14.13 9.89 -1.77
C ALA B 24 14.33 11.25 -2.44
N PRO B 25 13.29 12.10 -2.40
CA PRO B 25 13.35 13.44 -3.00
C PRO B 25 14.56 14.32 -2.64
N ASP B 26 15.03 14.26 -1.41
CA ASP B 26 16.20 15.07 -1.03
C ASP B 26 17.40 14.17 -0.70
N ALA B 27 17.50 13.07 -1.44
CA ALA B 27 18.55 12.08 -1.25
C ALA B 27 19.95 12.69 -1.32
N LYS B 28 20.76 12.36 -0.29
CA LYS B 28 22.17 12.76 -0.31
C LYS B 28 23.05 11.63 -0.85
N SER B 29 22.62 10.40 -0.52
CA SER B 29 23.30 9.21 -1.01
C SER B 29 22.58 7.95 -0.53
N PHE B 30 22.92 6.84 -1.18
CA PHE B 30 22.42 5.58 -0.68
C PHE B 30 23.39 4.42 -0.87
N VAL B 31 23.16 3.33 -0.11
CA VAL B 31 24.09 2.21 -0.19
C VAL B 31 23.38 0.89 -0.42
N LEU B 32 24.03 0.07 -1.22
CA LEU B 32 23.57 -1.27 -1.49
C LEU B 32 24.79 -2.15 -1.21
N ASN B 33 24.71 -2.97 -0.15
CA ASN B 33 25.82 -3.86 0.21
C ASN B 33 25.48 -5.31 -0.14
N LEU B 34 26.42 -5.97 -0.84
CA LEU B 34 26.24 -7.36 -1.25
C LEU B 34 27.47 -8.18 -0.85
N GLY B 35 27.25 -9.44 -0.49
CA GLY B 35 28.37 -10.28 -0.12
C GLY B 35 27.97 -11.59 0.54
N LYS B 36 28.91 -12.13 1.31
CA LYS B 36 28.64 -13.36 2.04
C LYS B 36 27.87 -13.04 3.32
N ASP B 37 28.41 -12.02 4.01
CA ASP B 37 27.74 -11.44 5.16
C ASP B 37 28.19 -9.99 5.40
N SER B 38 27.70 -9.38 6.50
CA SER B 38 27.96 -7.97 6.72
C SER B 38 29.47 -7.64 6.81
N ASN B 39 30.32 -8.63 7.06
CA ASN B 39 31.75 -8.37 7.18
C ASN B 39 32.53 -8.75 5.92
N ASN B 40 31.86 -9.45 5.01
CA ASN B 40 32.49 -9.89 3.77
C ASN B 40 31.62 -9.49 2.58
N LEU B 41 31.89 -8.28 2.07
CA LEU B 41 31.13 -7.69 0.98
C LEU B 41 31.88 -7.76 -0.35
N CYS B 42 31.26 -8.42 -1.35
CA CYS B 42 31.85 -8.37 -2.67
C CYS B 42 31.59 -7.01 -3.34
N LEU B 43 30.53 -6.33 -2.87
CA LEU B 43 30.22 -5.02 -3.44
C LEU B 43 29.55 -4.09 -2.41
N HIS B 44 30.27 -2.99 -2.13
CA HIS B 44 29.68 -1.84 -1.46
C HIS B 44 29.39 -0.77 -2.51
N PHE B 45 28.11 -0.69 -2.91
CA PHE B 45 27.68 0.24 -3.95
C PHE B 45 27.15 1.51 -3.32
N ASN B 46 27.85 2.62 -3.55
CA ASN B 46 27.48 3.87 -2.89
C ASN B 46 27.28 5.11 -3.76
N PRO B 47 26.08 5.28 -4.32
CA PRO B 47 25.84 6.47 -5.16
C PRO B 47 25.77 7.68 -4.24
N ARG B 48 26.59 8.69 -4.51
CA ARG B 48 26.60 9.90 -3.70
C ARG B 48 26.08 11.09 -4.52
N PHE B 49 24.90 11.57 -4.18
CA PHE B 49 24.34 12.73 -4.89
C PHE B 49 25.08 13.98 -4.42
N ASN B 50 25.18 14.12 -3.11
CA ASN B 50 25.87 15.25 -2.50
C ASN B 50 26.27 14.79 -1.10
N ALA B 51 27.42 14.14 -0.99
CA ALA B 51 27.87 13.63 0.29
C ALA B 51 29.38 13.46 0.34
N HIS B 52 29.95 13.72 1.52
CA HIS B 52 31.37 13.59 1.75
C HIS B 52 32.22 14.33 0.71
N GLY B 53 31.72 15.48 0.27
CA GLY B 53 32.45 16.27 -0.70
C GLY B 53 32.31 15.78 -2.13
N ASP B 54 31.53 14.73 -2.35
CA ASP B 54 31.34 14.23 -3.71
C ASP B 54 29.97 14.61 -4.26
N ALA B 55 29.95 14.92 -5.55
CA ALA B 55 28.71 15.30 -6.22
C ALA B 55 28.45 14.32 -7.35
N ASN B 56 27.23 13.79 -7.42
CA ASN B 56 26.84 12.84 -8.45
C ASN B 56 27.95 11.86 -8.81
N THR B 57 28.42 11.12 -7.81
CA THR B 57 29.49 10.15 -8.04
C THR B 57 29.20 8.82 -7.35
N ILE B 58 29.48 7.73 -8.06
CA ILE B 58 29.28 6.40 -7.50
C ILE B 58 30.61 5.89 -6.99
N VAL B 59 30.64 5.48 -5.72
CA VAL B 59 31.84 4.94 -5.13
C VAL B 59 31.58 3.48 -4.79
N CYS B 60 32.53 2.61 -5.12
CA CYS B 60 32.43 1.19 -4.85
C CYS B 60 33.68 0.72 -4.10
N ASN B 61 33.46 -0.34 -3.31
CA ASN B 61 34.58 -0.98 -2.63
C ASN B 61 34.14 -2.37 -2.17
N SER B 62 35.13 -3.11 -1.69
CA SER B 62 34.79 -4.38 -1.07
C SER B 62 35.20 -4.38 0.39
N LYS B 63 34.72 -5.39 1.12
CA LYS B 63 35.20 -5.56 2.48
C LYS B 63 35.52 -7.02 2.74
N ASP B 64 36.72 -7.30 3.24
CA ASP B 64 37.15 -8.67 3.47
C ASP B 64 37.49 -8.88 4.95
N GLY B 65 36.71 -9.70 5.63
CA GLY B 65 36.96 -9.94 7.04
C GLY B 65 37.00 -8.65 7.83
N GLY B 66 36.10 -7.73 7.48
CA GLY B 66 36.04 -6.45 8.17
C GLY B 66 36.95 -5.37 7.60
N ALA B 67 37.86 -5.75 6.72
CA ALA B 67 38.78 -4.77 6.15
C ALA B 67 38.31 -4.23 4.80
N TRP B 68 38.18 -2.90 4.71
CA TRP B 68 37.77 -2.26 3.46
C TRP B 68 38.90 -2.34 2.45
N GLY B 69 38.56 -2.54 1.18
CA GLY B 69 39.58 -2.60 0.15
C GLY B 69 39.87 -1.21 -0.41
N THR B 70 40.37 -1.14 -1.63
CA THR B 70 40.66 0.15 -2.26
C THR B 70 39.39 0.61 -2.97
N GLU B 71 38.92 1.81 -2.64
CA GLU B 71 37.70 2.30 -3.25
C GLU B 71 37.86 2.55 -4.75
N GLN B 72 36.76 2.39 -5.47
CA GLN B 72 36.76 2.59 -6.91
C GLN B 72 35.67 3.58 -7.31
N ARG B 73 36.04 4.53 -8.16
CA ARG B 73 35.10 5.52 -8.65
C ARG B 73 34.58 5.08 -10.02
N GLU B 74 33.26 5.27 -10.21
CA GLU B 74 32.71 5.01 -11.54
C GLU B 74 32.60 6.31 -12.35
N ALA B 75 32.31 6.18 -13.65
CA ALA B 75 32.30 7.37 -14.49
C ALA B 75 30.88 7.88 -14.81
N VAL B 76 29.85 7.15 -14.35
CA VAL B 76 28.49 7.59 -14.66
C VAL B 76 27.63 7.75 -13.41
N PHE B 77 26.55 8.52 -13.54
CA PHE B 77 25.63 8.74 -12.45
C PHE B 77 24.22 8.92 -12.97
N PRO B 78 23.57 7.83 -13.41
CA PRO B 78 22.21 7.86 -13.94
C PRO B 78 21.12 7.78 -12.86
N PHE B 79 21.22 8.62 -11.83
CA PHE B 79 20.24 8.62 -10.76
C PHE B 79 19.80 10.06 -10.49
N GLN B 80 18.58 10.23 -9.99
CA GLN B 80 18.08 11.56 -9.65
C GLN B 80 17.13 11.42 -8.46
N PRO B 81 17.21 12.37 -7.51
CA PRO B 81 16.35 12.36 -6.33
C PRO B 81 14.86 12.34 -6.68
N GLY B 82 14.07 11.69 -5.83
CA GLY B 82 12.63 11.62 -6.04
C GLY B 82 12.19 10.87 -7.28
N SER B 83 12.62 9.61 -7.40
CA SER B 83 12.28 8.79 -8.54
C SER B 83 12.61 7.32 -8.27
N VAL B 84 12.17 6.45 -9.17
CA VAL B 84 12.42 5.02 -9.03
C VAL B 84 13.67 4.64 -9.82
N ALA B 85 14.45 3.73 -9.28
CA ALA B 85 15.66 3.28 -9.96
C ALA B 85 15.84 1.79 -9.72
N GLU B 86 16.33 1.09 -10.74
CA GLU B 86 16.57 -0.34 -10.64
C GLU B 86 18.02 -0.66 -11.01
N VAL B 87 18.64 -1.52 -10.22
CA VAL B 87 20.01 -1.94 -10.52
C VAL B 87 19.98 -3.46 -10.61
N CYS B 88 20.74 -4.01 -11.55
CA CYS B 88 20.79 -5.44 -11.73
C CYS B 88 22.22 -5.90 -11.57
N ILE B 89 22.39 -6.96 -10.81
CA ILE B 89 23.74 -7.47 -10.62
C ILE B 89 23.87 -8.96 -10.96
N THR B 90 24.94 -9.28 -11.71
CA THR B 90 25.36 -10.65 -11.88
C THR B 90 26.85 -10.77 -11.59
N PHE B 91 27.31 -12.01 -11.45
CA PHE B 91 28.73 -12.18 -11.31
C PHE B 91 29.20 -13.51 -11.89
N ASP B 92 30.49 -13.51 -12.24
CA ASP B 92 31.18 -14.75 -12.52
C ASP B 92 32.46 -14.82 -11.68
N GLN B 93 33.38 -15.72 -12.05
CA GLN B 93 34.59 -15.86 -11.25
C GLN B 93 35.43 -14.56 -11.23
N ALA B 94 35.49 -13.88 -12.37
CA ALA B 94 36.33 -12.68 -12.45
C ALA B 94 35.73 -11.36 -11.99
N ASN B 95 34.50 -11.07 -12.40
CA ASN B 95 33.87 -9.79 -12.05
C ASN B 95 32.40 -9.93 -11.65
N LEU B 96 31.93 -8.93 -10.90
CA LEU B 96 30.50 -8.68 -10.83
C LEU B 96 30.15 -7.72 -11.96
N THR B 97 28.94 -7.87 -12.52
CA THR B 97 28.50 -6.87 -13.48
C THR B 97 27.31 -6.11 -12.94
N VAL B 98 27.42 -4.79 -12.86
CA VAL B 98 26.34 -3.97 -12.34
C VAL B 98 25.71 -3.16 -13.46
N LYS B 99 24.44 -3.42 -13.72
CA LYS B 99 23.71 -2.70 -14.77
C LYS B 99 22.88 -1.62 -14.10
N LEU B 100 23.01 -0.39 -14.62
CA LEU B 100 22.33 0.79 -14.09
C LEU B 100 21.30 1.29 -15.08
N PRO B 101 20.47 2.25 -14.61
CA PRO B 101 19.54 2.94 -15.48
C PRO B 101 20.24 3.64 -16.67
N ASP B 102 19.42 3.96 -17.70
CA ASP B 102 19.93 4.62 -18.90
C ASP B 102 20.99 3.80 -19.67
N GLY B 103 20.87 2.47 -19.60
CA GLY B 103 21.78 1.59 -20.32
C GLY B 103 23.24 1.56 -19.89
N TYR B 104 23.57 2.15 -18.75
CA TYR B 104 24.96 2.13 -18.31
C TYR B 104 25.28 0.90 -17.47
N GLU B 105 26.54 0.52 -17.44
CA GLU B 105 26.94 -0.63 -16.64
C GLU B 105 28.44 -0.54 -16.37
N PHE B 106 28.89 -1.28 -15.36
CA PHE B 106 30.30 -1.30 -15.02
C PHE B 106 30.64 -2.62 -14.34
N LYS B 107 31.90 -3.00 -14.41
CA LYS B 107 32.34 -4.23 -13.79
C LYS B 107 33.18 -3.92 -12.56
N PHE B 108 33.12 -4.81 -11.58
CA PHE B 108 33.88 -4.66 -10.34
C PHE B 108 34.48 -6.03 -10.09
N PRO B 109 35.80 -6.10 -9.85
CA PRO B 109 36.47 -7.38 -9.62
C PRO B 109 35.88 -8.17 -8.44
N ASN B 110 35.75 -9.48 -8.65
CA ASN B 110 35.25 -10.38 -7.61
C ASN B 110 36.45 -10.67 -6.69
N ARG B 111 36.86 -9.65 -5.94
CA ARG B 111 38.01 -9.73 -5.04
C ARG B 111 37.99 -10.87 -4.03
N LEU B 112 36.83 -11.15 -3.44
CA LEU B 112 36.72 -12.21 -2.44
C LEU B 112 36.51 -13.59 -3.07
N ASN B 113 36.47 -13.64 -4.40
CA ASN B 113 36.26 -14.90 -5.12
C ASN B 113 34.98 -15.60 -4.68
N LEU B 114 33.91 -14.81 -4.50
CA LEU B 114 32.64 -15.40 -4.10
C LEU B 114 32.08 -16.33 -5.18
N GLU B 115 31.61 -17.52 -4.75
CA GLU B 115 30.84 -18.35 -5.67
C GLU B 115 29.32 -18.23 -5.45
N ALA B 116 28.95 -17.45 -4.42
CA ALA B 116 27.54 -17.12 -4.22
C ALA B 116 27.40 -15.81 -3.44
N ILE B 117 26.30 -15.11 -3.72
CA ILE B 117 25.98 -13.96 -2.90
C ILE B 117 24.83 -14.30 -1.95
N ASN B 118 25.06 -14.23 -0.64
CA ASN B 118 24.00 -14.57 0.30
C ASN B 118 23.51 -13.45 1.18
N TYR B 119 24.11 -12.28 1.04
CA TYR B 119 23.75 -11.15 1.86
C TYR B 119 23.54 -9.88 1.06
N MET B 120 22.53 -9.12 1.44
CA MET B 120 22.20 -7.86 0.81
C MET B 120 21.62 -6.91 1.86
N ALA B 121 22.07 -5.66 1.85
CA ALA B 121 21.58 -4.68 2.80
C ALA B 121 21.50 -3.33 2.11
N ALA B 122 20.45 -2.56 2.41
CA ALA B 122 20.28 -1.24 1.82
C ALA B 122 20.33 -0.20 2.94
N ASP B 123 20.98 0.93 2.66
CA ASP B 123 21.10 2.02 3.62
C ASP B 123 20.96 3.34 2.87
N GLY B 124 20.64 4.39 3.62
CA GLY B 124 20.51 5.70 3.01
C GLY B 124 19.14 6.01 2.43
N ASP B 125 19.10 7.00 1.56
CA ASP B 125 17.88 7.48 0.95
C ASP B 125 17.41 6.69 -0.26
N PHE B 126 17.24 5.39 -0.06
CA PHE B 126 16.79 4.49 -1.12
C PHE B 126 15.88 3.45 -0.47
N LYS B 127 14.59 3.50 -0.80
CA LYS B 127 13.61 2.57 -0.23
C LYS B 127 13.32 1.45 -1.22
N ILE B 128 13.76 0.24 -0.88
CA ILE B 128 13.56 -0.92 -1.75
C ILE B 128 12.09 -1.30 -1.90
N LYS B 129 11.60 -1.32 -3.14
CA LYS B 129 10.22 -1.69 -3.41
C LYS B 129 10.10 -3.17 -3.82
N CYS B 130 11.16 -3.70 -4.42
CA CYS B 130 11.17 -5.11 -4.82
C CYS B 130 12.56 -5.64 -5.11
N VAL B 131 12.75 -6.91 -4.79
CA VAL B 131 14.01 -7.61 -5.01
C VAL B 131 13.68 -8.95 -5.63
N ALA B 132 14.36 -9.28 -6.72
CA ALA B 132 14.13 -10.55 -7.41
C ALA B 132 15.47 -11.23 -7.68
N PHE B 133 15.49 -12.55 -7.60
CA PHE B 133 16.70 -13.34 -7.83
C PHE B 133 16.38 -14.77 -8.24
N ALA C 1 -17.31 21.88 -13.39
CA ALA C 1 -17.05 20.46 -13.29
C ALA C 1 -16.45 20.09 -11.93
N CYS C 2 -17.27 20.24 -10.88
CA CYS C 2 -16.81 19.82 -9.56
C CYS C 2 -16.93 18.31 -9.40
N GLY C 3 -15.83 17.69 -8.92
CA GLY C 3 -15.84 16.25 -8.72
C GLY C 3 -16.10 15.91 -7.25
N LEU C 4 -15.66 14.72 -6.85
CA LEU C 4 -15.75 14.25 -5.48
C LEU C 4 -15.22 15.23 -4.42
N VAL C 5 -15.97 15.39 -3.34
CA VAL C 5 -15.59 16.25 -2.22
C VAL C 5 -15.76 15.42 -0.96
N ALA C 6 -14.73 15.35 -0.13
CA ALA C 6 -14.81 14.56 1.09
C ALA C 6 -14.29 15.35 2.29
N SER C 7 -15.01 15.28 3.39
CA SER C 7 -14.57 15.97 4.59
C SER C 7 -14.59 15.03 5.79
N ASN C 8 -14.17 15.58 6.95
CA ASN C 8 -14.07 14.74 8.13
C ASN C 8 -13.05 13.63 7.93
N LEU C 9 -12.13 13.87 6.97
CA LEU C 9 -10.96 13.03 6.94
C LEU C 9 -10.13 13.27 8.20
N ASN C 10 -9.34 12.25 8.54
CA ASN C 10 -8.43 12.46 9.64
C ASN C 10 -7.05 11.94 9.27
N LEU C 11 -6.51 12.35 8.13
CA LEU C 11 -5.20 11.90 7.67
C LEU C 11 -4.16 12.49 8.59
N LYS C 12 -3.38 11.62 9.24
CA LYS C 12 -2.35 12.08 10.16
C LYS C 12 -0.96 11.88 9.56
N PRO C 13 0.06 12.51 10.15
CA PRO C 13 1.41 12.34 9.61
C PRO C 13 1.76 10.86 9.68
N GLY C 14 2.41 10.36 8.62
CA GLY C 14 2.78 8.96 8.60
C GLY C 14 1.85 8.09 7.75
N GLU C 15 0.61 8.52 7.61
CA GLU C 15 -0.37 7.78 6.81
C GLU C 15 -0.25 8.24 5.35
N CYS C 16 -0.71 7.41 4.43
CA CYS C 16 -0.63 7.74 3.01
C CYS C 16 -1.99 7.82 2.32
N LEU C 17 -2.33 9.01 1.81
CA LEU C 17 -3.59 9.21 1.09
C LEU C 17 -3.36 8.83 -0.38
N ARG C 18 -4.11 7.88 -0.88
CA ARG C 18 -3.95 7.44 -2.28
C ARG C 18 -5.19 7.76 -3.10
N VAL C 19 -4.99 8.49 -4.20
CA VAL C 19 -6.09 8.87 -5.06
C VAL C 19 -5.84 8.34 -6.47
N ARG C 20 -6.74 7.50 -6.95
CA ARG C 20 -6.63 6.91 -8.27
C ARG C 20 -7.83 7.31 -9.10
N GLY C 21 -7.59 7.78 -10.32
CA GLY C 21 -8.70 8.18 -11.18
C GLY C 21 -8.36 8.08 -12.64
N GLU C 22 -9.32 8.46 -13.47
CA GLU C 22 -9.15 8.43 -14.91
C GLU C 22 -8.97 9.84 -15.47
N VAL C 23 -7.80 10.09 -16.05
CA VAL C 23 -7.52 11.38 -16.65
C VAL C 23 -8.28 11.35 -17.98
N ALA C 24 -9.20 12.30 -18.17
CA ALA C 24 -10.01 12.35 -19.39
C ALA C 24 -9.16 12.31 -20.67
N PRO C 25 -9.71 11.71 -21.74
CA PRO C 25 -9.06 11.58 -23.05
C PRO C 25 -8.46 12.87 -23.61
N ASP C 26 -9.21 13.96 -23.54
CA ASP C 26 -8.71 15.23 -24.06
C ASP C 26 -8.57 16.22 -22.91
N ALA C 27 -8.15 15.70 -21.76
CA ALA C 27 -7.97 16.49 -20.55
C ALA C 27 -7.24 17.80 -20.81
N LYS C 28 -7.76 18.87 -20.22
CA LYS C 28 -7.15 20.18 -20.35
C LYS C 28 -6.46 20.45 -19.02
N SER C 29 -7.11 20.05 -17.93
CA SER C 29 -6.55 20.23 -16.60
C SER C 29 -7.48 19.64 -15.53
N PHE C 30 -6.87 19.30 -14.39
CA PHE C 30 -7.66 18.85 -13.26
C PHE C 30 -7.05 19.32 -11.94
N VAL C 31 -7.88 19.34 -10.88
CA VAL C 31 -7.38 19.83 -9.61
C VAL C 31 -7.66 18.85 -8.48
N LEU C 32 -6.72 18.83 -7.54
CA LEU C 32 -6.85 18.02 -6.34
C LEU C 32 -6.49 18.98 -5.21
N ASN C 33 -7.45 19.27 -4.35
CA ASN C 33 -7.24 20.18 -3.22
C ASN C 33 -7.31 19.44 -1.90
N LEU C 34 -6.34 19.70 -1.03
CA LEU C 34 -6.27 19.07 0.28
C LEU C 34 -6.05 20.14 1.34
N GLY C 35 -6.60 19.93 2.53
CA GLY C 35 -6.41 20.90 3.60
C GLY C 35 -7.35 20.70 4.77
N LYS C 36 -7.63 21.78 5.48
CA LYS C 36 -8.55 21.72 6.62
C LYS C 36 -10.00 21.88 6.13
N ASP C 37 -10.16 22.86 5.21
CA ASP C 37 -11.42 23.07 4.51
C ASP C 37 -11.19 23.85 3.21
N SER C 38 -12.30 24.17 2.50
CA SER C 38 -12.15 24.81 1.19
C SER C 38 -11.38 26.15 1.26
N ASN C 39 -11.31 26.78 2.42
CA ASN C 39 -10.59 28.05 2.54
C ASN C 39 -9.15 27.90 3.05
N ASN C 40 -8.79 26.68 3.46
CA ASN C 40 -7.46 26.42 3.99
C ASN C 40 -6.88 25.14 3.38
N LEU C 41 -6.11 25.31 2.32
CA LEU C 41 -5.54 24.19 1.56
C LEU C 41 -4.03 24.08 1.77
N CYS C 42 -3.59 22.93 2.31
CA CYS C 42 -2.15 22.70 2.37
C CYS C 42 -1.58 22.40 0.98
N LEU C 43 -2.46 21.92 0.08
CA LEU C 43 -2.02 21.63 -1.28
C LEU C 43 -3.15 21.79 -2.31
N HIS C 44 -2.88 22.72 -3.23
CA HIS C 44 -3.65 22.81 -4.47
C HIS C 44 -2.79 22.21 -5.60
N PHE C 45 -3.21 20.99 -6.04
CA PHE C 45 -2.47 20.26 -7.06
C PHE C 45 -3.18 20.41 -8.39
N ASN C 46 -2.57 21.16 -9.32
CA ASN C 46 -3.23 21.44 -10.59
C ASN C 46 -2.46 21.07 -11.88
N PRO C 47 -2.53 19.80 -12.31
CA PRO C 47 -1.82 19.43 -13.54
C PRO C 47 -2.52 20.09 -14.73
N ARG C 48 -1.74 20.72 -15.60
CA ARG C 48 -2.28 21.38 -16.78
C ARG C 48 -1.72 20.69 -18.03
N PHE C 49 -2.61 20.29 -18.92
CA PHE C 49 -2.19 19.56 -20.13
C PHE C 49 -2.23 20.43 -21.39
N ASN C 50 -1.08 20.45 -22.10
CA ASN C 50 -1.00 21.10 -23.41
C ASN C 50 0.25 20.63 -24.16
N ALA C 51 0.20 19.36 -24.58
CA ALA C 51 1.38 18.76 -25.21
C ALA C 51 1.82 19.53 -26.44
N HIS C 52 0.92 19.73 -27.40
CA HIS C 52 1.26 20.47 -28.62
C HIS C 52 1.85 21.84 -28.31
N GLY C 53 1.33 22.50 -27.29
CA GLY C 53 1.83 23.81 -26.92
C GLY C 53 3.03 23.77 -26.00
N ASP C 54 3.54 22.58 -25.73
CA ASP C 54 4.69 22.41 -24.85
C ASP C 54 4.46 23.19 -23.55
N ALA C 55 3.27 23.02 -22.98
CA ALA C 55 2.92 23.71 -21.75
C ALA C 55 2.43 22.79 -20.65
N ASN C 56 2.78 21.51 -20.72
CA ASN C 56 2.36 20.60 -19.65
C ASN C 56 3.04 21.10 -18.41
N THR C 57 2.32 21.16 -17.30
CA THR C 57 2.91 21.62 -16.07
C THR C 57 2.01 21.34 -14.89
N ILE C 58 2.62 21.04 -13.75
CA ILE C 58 1.88 20.78 -12.53
C ILE C 58 2.05 22.04 -11.67
N VAL C 59 0.95 22.76 -11.47
CA VAL C 59 0.99 23.97 -10.65
C VAL C 59 0.57 23.63 -9.24
N CYS C 60 1.38 24.02 -8.26
CA CYS C 60 1.05 23.80 -6.85
C CYS C 60 1.05 25.12 -6.09
N ASN C 61 0.16 25.18 -5.09
CA ASN C 61 0.10 26.34 -4.22
C ASN C 61 -0.63 25.96 -2.95
N SER C 62 -0.58 26.89 -2.00
CA SER C 62 -1.40 26.72 -0.81
C SER C 62 -2.41 27.86 -0.71
N LYS C 63 -3.38 27.66 0.20
CA LYS C 63 -4.30 28.75 0.47
C LYS C 63 -4.54 28.87 1.97
N ASP C 64 -4.29 30.04 2.54
CA ASP C 64 -4.44 30.22 3.98
C ASP C 64 -5.48 31.29 4.29
N GLY C 65 -6.59 30.87 4.87
CA GLY C 65 -7.66 31.81 5.19
C GLY C 65 -8.17 32.49 3.93
N GLY C 66 -8.25 31.72 2.85
CA GLY C 66 -8.71 32.27 1.58
C GLY C 66 -7.65 32.96 0.75
N ALA C 67 -6.46 33.15 1.29
CA ALA C 67 -5.40 33.83 0.55
C ALA C 67 -4.44 32.83 -0.10
N TRP C 68 -4.33 32.89 -1.42
CA TRP C 68 -3.42 32.02 -2.16
C TRP C 68 -1.98 32.37 -1.82
N GLY C 69 -1.14 31.36 -1.62
CA GLY C 69 0.25 31.61 -1.32
C GLY C 69 1.09 31.76 -2.58
N THR C 70 2.39 31.50 -2.48
CA THR C 70 3.27 31.62 -3.64
C THR C 70 3.23 30.33 -4.48
N GLU C 71 2.67 30.46 -5.68
CA GLU C 71 2.52 29.38 -6.63
C GLU C 71 3.85 28.90 -7.22
N GLN C 72 3.93 27.61 -7.56
CA GLN C 72 5.14 27.07 -8.16
C GLN C 72 4.82 25.93 -9.12
N ARG C 73 5.55 25.88 -10.23
CA ARG C 73 5.37 24.82 -11.21
C ARG C 73 6.38 23.73 -10.87
N GLU C 74 5.95 22.48 -10.89
CA GLU C 74 6.87 21.39 -10.55
C GLU C 74 7.75 20.98 -11.73
N ALA C 75 8.80 20.21 -11.43
CA ALA C 75 9.76 19.79 -12.45
C ALA C 75 9.29 18.72 -13.45
N VAL C 76 8.47 17.79 -12.99
CA VAL C 76 8.02 16.70 -13.88
C VAL C 76 6.53 16.70 -14.21
N PHE C 77 6.21 16.00 -15.29
CA PHE C 77 4.82 15.87 -15.73
C PHE C 77 4.64 14.49 -16.36
N PRO C 78 4.32 13.48 -15.54
CA PRO C 78 4.12 12.10 -16.01
C PRO C 78 2.68 11.74 -16.34
N PHE C 79 1.77 12.70 -16.26
CA PHE C 79 0.36 12.43 -16.57
C PHE C 79 0.09 12.33 -18.06
N GLN C 80 -0.82 11.45 -18.44
CA GLN C 80 -1.20 11.27 -19.84
C GLN C 80 -2.71 11.29 -19.98
N PRO C 81 -3.23 12.08 -20.94
CA PRO C 81 -4.68 12.12 -21.14
C PRO C 81 -5.18 10.72 -21.48
N GLY C 82 -6.39 10.41 -21.05
CA GLY C 82 -7.01 9.12 -21.39
C GLY C 82 -6.26 7.94 -20.77
N SER C 83 -5.75 8.15 -19.54
CA SER C 83 -5.14 7.05 -18.82
C SER C 83 -5.61 7.02 -17.36
N VAL C 84 -5.26 5.90 -16.68
CA VAL C 84 -5.52 5.86 -15.24
C VAL C 84 -4.31 6.35 -14.46
N ALA C 85 -4.51 7.29 -13.54
CA ALA C 85 -3.38 7.81 -12.78
C ALA C 85 -3.63 7.83 -11.28
N GLU C 86 -2.58 7.59 -10.52
CA GLU C 86 -2.65 7.57 -9.07
C GLU C 86 -1.61 8.52 -8.46
N VAL C 87 -2.11 9.34 -7.52
CA VAL C 87 -1.24 10.22 -6.78
C VAL C 87 -1.33 9.90 -5.28
N CYS C 88 -0.16 9.81 -4.64
CA CYS C 88 -0.20 9.56 -3.21
C CYS C 88 0.40 10.73 -2.43
N ILE C 89 -0.16 11.01 -1.25
CA ILE C 89 0.32 12.12 -0.43
C ILE C 89 0.53 11.69 1.02
N THR C 90 1.73 12.02 1.52
CA THR C 90 1.99 11.94 2.95
C THR C 90 2.49 13.30 3.42
N PHE C 91 2.48 13.51 4.76
CA PHE C 91 2.99 14.76 5.25
C PHE C 91 3.50 14.67 6.69
N ASP C 92 4.47 15.56 6.96
CA ASP C 92 4.89 15.78 8.33
C ASP C 92 4.88 17.29 8.65
N GLN C 93 5.39 17.66 9.82
CA GLN C 93 5.35 19.07 10.22
C GLN C 93 5.92 20.00 9.13
N ALA C 94 7.07 19.62 8.57
CA ALA C 94 7.73 20.47 7.58
C ALA C 94 7.23 20.42 6.14
N ASN C 95 6.95 19.23 5.62
CA ASN C 95 6.53 19.14 4.23
C ASN C 95 5.47 18.08 3.98
N LEU C 96 4.78 18.25 2.85
CA LEU C 96 4.02 17.16 2.26
C LEU C 96 4.88 16.51 1.17
N THR C 97 4.80 15.20 1.06
CA THR C 97 5.49 14.57 -0.05
C THR C 97 4.47 14.02 -1.03
N VAL C 98 4.59 14.39 -2.30
CA VAL C 98 3.66 13.94 -3.32
C VAL C 98 4.34 12.92 -4.24
N LYS C 99 3.73 11.74 -4.36
CA LYS C 99 4.25 10.68 -5.21
C LYS C 99 3.36 10.63 -6.44
N LEU C 100 3.98 10.73 -7.61
CA LEU C 100 3.27 10.80 -8.90
C LEU C 100 3.41 9.49 -9.67
N PRO C 101 2.62 9.38 -10.76
CA PRO C 101 2.79 8.28 -11.68
C PRO C 101 4.27 8.13 -12.11
N ASP C 102 4.68 6.88 -12.32
CA ASP C 102 6.08 6.58 -12.65
C ASP C 102 7.01 6.65 -11.42
N GLY C 103 6.46 6.96 -10.25
CA GLY C 103 7.27 7.00 -9.05
C GLY C 103 7.96 8.30 -8.74
N TYR C 104 7.73 9.34 -9.54
CA TYR C 104 8.33 10.64 -9.28
C TYR C 104 7.76 11.21 -7.98
N GLU C 105 8.62 11.82 -7.18
CA GLU C 105 8.18 12.41 -5.92
C GLU C 105 8.78 13.80 -5.76
N PHE C 106 8.05 14.68 -5.10
CA PHE C 106 8.52 16.03 -4.83
C PHE C 106 7.93 16.50 -3.51
N LYS C 107 8.65 17.37 -2.82
CA LYS C 107 8.22 17.90 -1.53
C LYS C 107 7.55 19.25 -1.74
N PHE C 108 6.58 19.55 -0.87
CA PHE C 108 5.88 20.82 -0.91
C PHE C 108 5.77 21.26 0.55
N PRO C 109 6.21 22.49 0.86
CA PRO C 109 6.13 22.97 2.25
C PRO C 109 4.74 22.95 2.88
N ASN C 110 4.70 22.59 4.15
CA ASN C 110 3.47 22.54 4.92
C ASN C 110 3.28 23.95 5.51
N ARG C 111 3.10 24.90 4.61
CA ARG C 111 2.92 26.31 4.97
C ARG C 111 1.88 26.60 6.05
N LEU C 112 0.80 25.84 6.08
CA LEU C 112 -0.25 26.07 7.08
C LEU C 112 0.06 25.36 8.39
N ASN C 113 1.16 24.60 8.42
CA ASN C 113 1.56 23.88 9.62
C ASN C 113 0.46 22.92 10.08
N LEU C 114 -0.26 22.34 9.11
CA LEU C 114 -1.34 21.41 9.46
C LEU C 114 -0.80 20.20 10.23
N GLU C 115 -1.54 19.81 11.28
CA GLU C 115 -1.22 18.52 11.89
C GLU C 115 -2.16 17.40 11.42
N ALA C 116 -3.15 17.79 10.60
CA ALA C 116 -4.00 16.78 9.98
C ALA C 116 -4.68 17.32 8.72
N ILE C 117 -4.94 16.41 7.78
CA ILE C 117 -5.75 16.79 6.64
C ILE C 117 -7.18 16.28 6.80
N ASN C 118 -8.15 17.18 6.76
CA ASN C 118 -9.55 16.81 6.94
C ASN C 118 -10.44 17.05 5.73
N TYR C 119 -9.87 17.61 4.67
CA TYR C 119 -10.63 17.95 3.48
C TYR C 119 -9.94 17.60 2.17
N MET C 120 -10.72 17.11 1.21
CA MET C 120 -10.20 16.75 -0.11
C MET C 120 -11.28 17.02 -1.16
N ALA C 121 -10.89 17.67 -2.26
CA ALA C 121 -11.83 17.95 -3.33
C ALA C 121 -11.18 17.77 -4.69
N ALA C 122 -11.94 17.21 -5.64
CA ALA C 122 -11.44 16.98 -6.99
C ALA C 122 -12.26 17.79 -7.97
N ASP C 123 -11.61 18.36 -8.97
CA ASP C 123 -12.28 19.17 -9.98
C ASP C 123 -11.62 18.96 -11.34
N GLY C 124 -12.35 19.23 -12.41
CA GLY C 124 -11.78 19.09 -13.73
C GLY C 124 -11.83 17.71 -14.38
N ASP C 125 -10.98 17.55 -15.38
CA ASP C 125 -10.90 16.32 -16.16
C ASP C 125 -10.26 15.13 -15.46
N PHE C 126 -10.71 14.85 -14.25
CA PHE C 126 -10.19 13.73 -13.47
C PHE C 126 -11.34 13.17 -12.64
N LYS C 127 -11.74 11.94 -12.94
CA LYS C 127 -12.82 11.32 -12.19
C LYS C 127 -12.24 10.28 -11.25
N ILE C 128 -12.39 10.52 -9.95
CA ILE C 128 -11.89 9.58 -8.95
C ILE C 128 -12.58 8.22 -9.09
N LYS C 129 -11.76 7.16 -9.20
CA LYS C 129 -12.34 5.82 -9.19
C LYS C 129 -12.06 5.10 -7.87
N CYS C 130 -11.03 5.59 -7.15
CA CYS C 130 -10.68 4.96 -5.87
C CYS C 130 -9.86 5.89 -4.97
N VAL C 131 -10.18 5.86 -3.68
CA VAL C 131 -9.47 6.67 -2.70
C VAL C 131 -9.19 5.87 -1.44
N ALA C 132 -7.94 5.85 -1.01
CA ALA C 132 -7.55 5.12 0.20
C ALA C 132 -7.02 6.13 1.21
N PHE C 133 -7.74 6.27 2.33
CA PHE C 133 -7.39 7.22 3.37
C PHE C 133 -6.39 6.66 4.38
N ASP C 134 -6.30 5.33 4.45
CA ASP C 134 -5.37 4.70 5.37
C ASP C 134 -5.53 5.28 6.78
N CYS D 2 -20.01 12.90 12.50
CA CYS D 2 -18.67 12.67 13.12
C CYS D 2 -17.76 11.85 12.20
N GLY D 3 -18.35 11.10 11.29
CA GLY D 3 -17.56 10.30 10.37
C GLY D 3 -17.33 11.02 9.06
N LEU D 4 -16.81 10.30 8.07
CA LEU D 4 -16.53 10.86 6.75
C LEU D 4 -17.81 11.25 5.99
N VAL D 5 -17.77 12.39 5.31
CA VAL D 5 -18.91 12.86 4.53
C VAL D 5 -18.39 13.13 3.12
N ALA D 6 -19.04 12.52 2.13
CA ALA D 6 -18.61 12.70 0.75
C ALA D 6 -19.80 13.08 -0.13
N SER D 7 -19.57 14.00 -1.07
CA SER D 7 -20.61 14.41 -1.99
C SER D 7 -20.08 14.42 -3.42
N ASN D 8 -20.97 14.54 -4.38
CA ASN D 8 -20.62 14.52 -5.81
C ASN D 8 -20.09 13.13 -6.17
N LEU D 9 -20.57 12.11 -5.47
CA LEU D 9 -20.15 10.74 -5.76
C LEU D 9 -20.46 10.39 -7.20
N ASN D 10 -21.62 10.84 -7.67
CA ASN D 10 -22.06 10.57 -9.04
C ASN D 10 -22.15 9.07 -9.39
N LEU D 11 -22.62 8.26 -8.44
CA LEU D 11 -22.77 6.82 -8.69
C LEU D 11 -23.99 6.59 -9.58
N LYS D 12 -23.78 5.91 -10.70
CA LYS D 12 -24.84 5.64 -11.65
C LYS D 12 -25.38 4.21 -11.54
N PRO D 13 -26.57 3.95 -12.10
CA PRO D 13 -27.14 2.60 -12.03
C PRO D 13 -26.17 1.57 -12.61
N GLY D 14 -26.05 0.43 -11.94
CA GLY D 14 -25.16 -0.60 -12.43
C GLY D 14 -23.77 -0.52 -11.82
N GLU D 15 -23.26 0.70 -11.64
CA GLU D 15 -21.93 0.88 -11.07
C GLU D 15 -21.92 0.37 -9.65
N CYS D 16 -20.77 -0.11 -9.20
CA CYS D 16 -20.65 -0.63 -7.84
C CYS D 16 -19.90 0.36 -6.97
N LEU D 17 -20.42 0.59 -5.77
CA LEU D 17 -19.78 1.47 -4.81
C LEU D 17 -19.27 0.54 -3.72
N ARG D 18 -17.96 0.56 -3.49
CA ARG D 18 -17.33 -0.29 -2.48
C ARG D 18 -16.79 0.58 -1.37
N VAL D 19 -17.23 0.34 -0.15
CA VAL D 19 -16.79 1.12 0.98
C VAL D 19 -16.19 0.22 2.06
N ARG D 20 -14.94 0.50 2.42
CA ARG D 20 -14.27 -0.29 3.45
C ARG D 20 -14.08 0.61 4.65
N GLY D 21 -14.46 0.12 5.84
CA GLY D 21 -14.33 0.93 7.03
C GLY D 21 -14.07 0.12 8.28
N GLU D 22 -13.46 0.75 9.27
CA GLU D 22 -13.17 0.10 10.53
C GLU D 22 -14.26 0.39 11.54
N VAL D 23 -14.83 -0.66 12.10
CA VAL D 23 -15.87 -0.50 13.10
C VAL D 23 -15.15 -0.08 14.38
N ALA D 24 -15.65 0.98 15.03
CA ALA D 24 -15.04 1.49 16.24
C ALA D 24 -14.90 0.40 17.30
N PRO D 25 -13.75 0.35 17.98
CA PRO D 25 -13.47 -0.64 19.02
C PRO D 25 -14.60 -0.98 20.01
N ASP D 26 -15.35 0.01 20.47
CA ASP D 26 -16.39 -0.29 21.45
C ASP D 26 -17.81 -0.07 20.89
N ALA D 27 -17.96 -0.21 19.56
CA ALA D 27 -19.27 0.09 18.95
C ALA D 27 -20.22 -1.11 18.98
N LYS D 28 -21.50 -0.83 19.31
CA LYS D 28 -22.53 -1.85 19.18
C LYS D 28 -23.38 -1.65 17.91
N SER D 29 -22.89 -0.73 17.05
CA SER D 29 -23.59 -0.43 15.81
C SER D 29 -22.91 0.73 15.06
N PHE D 30 -23.35 0.95 13.82
CA PHE D 30 -22.86 2.12 13.11
C PHE D 30 -23.86 2.57 12.04
N VAL D 31 -23.60 3.76 11.47
CA VAL D 31 -24.52 4.26 10.46
C VAL D 31 -23.79 4.66 9.19
N LEU D 32 -24.35 4.28 8.05
CA LEU D 32 -23.83 4.67 6.75
C LEU D 32 -25.05 5.18 6.01
N ASN D 33 -25.02 6.44 5.59
CA ASN D 33 -26.13 7.03 4.86
C ASN D 33 -25.74 7.28 3.41
N LEU D 34 -26.66 6.99 2.50
CA LEU D 34 -26.43 7.16 1.07
C LEU D 34 -27.65 7.82 0.47
N GLY D 35 -27.44 8.73 -0.49
CA GLY D 35 -28.56 9.39 -1.13
C GLY D 35 -28.19 10.52 -2.08
N LYS D 36 -29.14 11.44 -2.25
CA LYS D 36 -28.96 12.62 -3.09
C LYS D 36 -28.24 13.71 -2.30
N ASP D 37 -28.73 13.86 -1.06
CA ASP D 37 -28.08 14.70 -0.06
C ASP D 37 -28.49 14.26 1.35
N SER D 38 -28.12 15.07 2.36
CA SER D 38 -28.37 14.62 3.74
C SER D 38 -29.87 14.55 4.08
N ASN D 39 -30.74 15.20 3.30
CA ASN D 39 -32.18 15.18 3.58
C ASN D 39 -32.93 14.18 2.71
N ASN D 40 -32.26 13.65 1.70
CA ASN D 40 -32.88 12.69 0.79
C ASN D 40 -32.00 11.45 0.67
N LEU D 41 -32.25 10.50 1.57
CA LEU D 41 -31.46 9.27 1.65
C LEU D 41 -32.18 8.09 1.05
N CYS D 42 -31.53 7.45 0.06
CA CYS D 42 -32.08 6.21 -0.45
C CYS D 42 -31.78 5.04 0.50
N LEU D 43 -30.69 5.19 1.27
CA LEU D 43 -30.34 4.15 2.22
C LEU D 43 -29.72 4.72 3.51
N HIS D 44 -30.50 4.57 4.59
CA HIS D 44 -29.94 4.70 5.93
C HIS D 44 -29.61 3.28 6.44
N PHE D 45 -28.31 2.95 6.39
CA PHE D 45 -27.85 1.62 6.78
C PHE D 45 -27.42 1.64 8.23
N ASN D 46 -28.19 0.99 9.10
CA ASN D 46 -27.91 1.00 10.53
C ASN D 46 -27.76 -0.38 11.20
N PRO D 47 -26.62 -1.05 11.01
CA PRO D 47 -26.41 -2.37 11.61
C PRO D 47 -26.22 -2.27 13.12
N ARG D 48 -26.76 -3.25 13.84
CA ARG D 48 -26.61 -3.32 15.29
C ARG D 48 -26.07 -4.71 15.57
N PHE D 49 -24.99 -4.76 16.34
CA PHE D 49 -24.34 -6.03 16.64
C PHE D 49 -23.73 -6.03 18.03
N ASN D 50 -23.77 -7.19 18.68
CA ASN D 50 -23.23 -7.34 20.02
C ASN D 50 -23.07 -8.83 20.32
N ALA D 51 -21.83 -9.25 20.61
CA ALA D 51 -21.55 -10.64 20.92
C ALA D 51 -22.42 -11.14 22.07
N HIS D 52 -23.05 -10.20 22.77
CA HIS D 52 -23.93 -10.51 23.90
C HIS D 52 -25.19 -9.66 23.84
N GLY D 53 -26.37 -10.29 23.81
CA GLY D 53 -27.60 -9.53 23.76
C GLY D 53 -28.48 -9.78 22.56
N ASP D 54 -29.68 -9.20 22.60
CA ASP D 54 -30.64 -9.33 21.51
C ASP D 54 -30.59 -8.16 20.53
N ALA D 55 -29.62 -7.27 20.69
CA ALA D 55 -29.49 -6.13 19.78
C ALA D 55 -28.63 -6.54 18.60
N ASN D 56 -29.17 -7.45 17.79
CA ASN D 56 -28.46 -7.94 16.62
C ASN D 56 -29.40 -8.01 15.41
N THR D 57 -29.37 -6.92 14.65
CA THR D 57 -30.16 -6.81 13.43
C THR D 57 -29.68 -5.59 12.65
N ILE D 58 -30.03 -5.55 11.36
CA ILE D 58 -29.74 -4.33 10.61
C ILE D 58 -31.03 -3.59 10.31
N VAL D 59 -31.05 -2.30 10.64
CA VAL D 59 -32.22 -1.47 10.39
C VAL D 59 -31.93 -0.57 9.20
N CYS D 60 -32.81 -0.60 8.20
CA CYS D 60 -32.68 0.22 7.02
C CYS D 60 -33.92 1.08 6.85
N ASN D 61 -33.70 2.29 6.33
CA ASN D 61 -34.81 3.15 6.01
C ASN D 61 -34.40 4.16 4.95
N SER D 62 -35.39 4.91 4.49
CA SER D 62 -35.09 6.01 3.61
C SER D 62 -35.51 7.34 4.23
N LYS D 63 -35.06 8.42 3.59
CA LYS D 63 -35.46 9.73 4.06
C LYS D 63 -35.81 10.62 2.88
N ASP D 64 -37.06 11.10 2.82
CA ASP D 64 -37.54 11.91 1.72
C ASP D 64 -37.88 13.33 2.18
N GLY D 65 -37.10 14.31 1.74
CA GLY D 65 -37.36 15.67 2.15
C GLY D 65 -37.36 15.79 3.66
N GLY D 66 -36.46 15.05 4.30
CA GLY D 66 -36.35 15.11 5.76
C GLY D 66 -37.25 14.16 6.54
N ALA D 67 -38.22 13.55 5.87
CA ALA D 67 -39.13 12.64 6.56
C ALA D 67 -38.69 11.19 6.42
N TRP D 68 -38.60 10.49 7.54
CA TRP D 68 -38.21 9.09 7.53
C TRP D 68 -39.32 8.24 6.94
N GLY D 69 -38.94 7.16 6.26
CA GLY D 69 -39.93 6.28 5.67
C GLY D 69 -40.20 5.14 6.64
N THR D 70 -40.69 4.02 6.14
CA THR D 70 -40.96 2.88 6.99
C THR D 70 -39.70 2.04 7.20
N GLU D 71 -39.37 1.81 8.47
CA GLU D 71 -38.20 1.04 8.84
C GLU D 71 -38.25 -0.38 8.27
N GLN D 72 -37.11 -0.84 7.76
CA GLN D 72 -36.99 -2.18 7.17
C GLN D 72 -35.90 -2.97 7.87
N ARG D 73 -36.23 -4.13 8.41
CA ARG D 73 -35.22 -4.93 9.08
C ARG D 73 -34.59 -5.93 8.11
N GLU D 74 -33.27 -6.14 8.28
CA GLU D 74 -32.59 -7.20 7.56
C GLU D 74 -31.80 -8.10 8.53
N ALA D 75 -31.38 -9.26 8.02
CA ALA D 75 -30.59 -10.16 8.88
C ALA D 75 -29.37 -9.47 9.49
N VAL D 76 -29.05 -9.83 10.73
CA VAL D 76 -27.87 -9.27 11.36
C VAL D 76 -26.59 -9.68 10.65
N PHE D 77 -25.60 -8.78 10.71
CA PHE D 77 -24.24 -9.16 10.33
C PHE D 77 -23.28 -8.90 11.49
N PRO D 78 -22.51 -9.96 11.82
CA PRO D 78 -21.60 -9.96 12.99
C PRO D 78 -20.37 -9.06 12.80
N PHE D 79 -20.57 -7.76 12.62
CA PHE D 79 -19.44 -6.85 12.51
C PHE D 79 -18.67 -6.98 13.82
N GLN D 80 -17.34 -6.99 13.75
CA GLN D 80 -16.48 -7.08 14.91
C GLN D 80 -15.82 -5.74 15.21
N PRO D 81 -16.15 -5.19 16.39
CA PRO D 81 -15.59 -3.91 16.82
C PRO D 81 -14.05 -3.90 16.71
N GLY D 82 -13.53 -2.82 16.11
CA GLY D 82 -12.10 -2.75 15.91
C GLY D 82 -11.68 -3.38 14.58
N SER D 83 -12.54 -4.10 13.87
CA SER D 83 -12.17 -4.72 12.58
C SER D 83 -12.69 -3.97 11.35
N VAL D 84 -12.02 -4.20 10.22
CA VAL D 84 -12.39 -3.57 8.95
C VAL D 84 -13.34 -4.47 8.18
N ALA D 85 -14.39 -3.88 7.62
CA ALA D 85 -15.37 -4.63 6.85
C ALA D 85 -15.75 -3.83 5.61
N GLU D 86 -16.09 -4.53 4.53
CA GLU D 86 -16.47 -3.87 3.29
C GLU D 86 -17.96 -3.99 3.00
N VAL D 87 -18.53 -2.92 2.45
CA VAL D 87 -19.94 -2.92 2.08
C VAL D 87 -19.98 -2.53 0.61
N CYS D 88 -20.73 -3.29 -0.18
CA CYS D 88 -20.85 -3.00 -1.60
C CYS D 88 -22.28 -2.65 -1.92
N ILE D 89 -22.47 -1.54 -2.61
CA ILE D 89 -23.80 -1.11 -2.98
C ILE D 89 -23.91 -0.84 -4.48
N THR D 90 -25.02 -1.32 -5.03
CA THR D 90 -25.38 -1.00 -6.40
C THR D 90 -26.88 -0.74 -6.45
N PHE D 91 -27.31 -0.08 -7.54
CA PHE D 91 -28.75 0.15 -7.63
C PHE D 91 -29.28 0.24 -9.06
N ASP D 92 -30.59 -0.07 -9.16
CA ASP D 92 -31.31 0.18 -10.39
C ASP D 92 -32.67 0.81 -10.07
N GLN D 93 -33.53 0.94 -11.10
CA GLN D 93 -34.83 1.56 -10.84
C GLN D 93 -35.57 0.90 -9.66
N ALA D 94 -35.53 -0.43 -9.63
CA ALA D 94 -36.26 -1.19 -8.62
C ALA D 94 -35.69 -1.24 -7.21
N ASN D 95 -34.43 -1.63 -7.07
CA ASN D 95 -33.84 -1.74 -5.75
C ASN D 95 -32.40 -1.23 -5.69
N LEU D 96 -31.95 -1.07 -4.44
CA LEU D 96 -30.53 -1.00 -4.16
C LEU D 96 -30.10 -2.39 -3.68
N THR D 97 -28.94 -2.85 -4.16
CA THR D 97 -28.47 -4.12 -3.67
C THR D 97 -27.31 -3.90 -2.71
N VAL D 98 -27.42 -4.42 -1.50
CA VAL D 98 -26.37 -4.28 -0.51
C VAL D 98 -25.71 -5.63 -0.26
N LYS D 99 -24.38 -5.67 -0.36
CA LYS D 99 -23.67 -6.91 -0.11
C LYS D 99 -22.62 -6.72 0.99
N LEU D 100 -22.60 -7.69 1.92
CA LEU D 100 -21.55 -7.74 2.92
C LEU D 100 -20.76 -9.05 2.77
N PRO D 101 -19.71 -9.20 3.58
CA PRO D 101 -18.88 -10.40 3.56
C PRO D 101 -19.70 -11.69 3.74
N ASP D 102 -19.07 -12.82 3.39
CA ASP D 102 -19.67 -14.14 3.54
C ASP D 102 -20.97 -14.38 2.76
N GLY D 103 -21.08 -13.80 1.57
CA GLY D 103 -22.28 -14.00 0.75
C GLY D 103 -23.53 -13.27 1.22
N TYR D 104 -23.40 -12.44 2.26
CA TYR D 104 -24.54 -11.70 2.77
C TYR D 104 -25.05 -10.70 1.74
N GLU D 105 -26.37 -10.65 1.56
CA GLU D 105 -26.98 -9.75 0.59
C GLU D 105 -28.48 -9.56 0.87
N PHE D 106 -28.93 -8.31 0.61
CA PHE D 106 -30.35 -8.01 0.66
C PHE D 106 -30.68 -6.87 -0.29
N LYS D 107 -31.93 -6.86 -0.78
CA LYS D 107 -32.31 -5.76 -1.66
C LYS D 107 -33.27 -4.80 -0.96
N PHE D 108 -33.07 -3.50 -1.19
CA PHE D 108 -33.89 -2.48 -0.56
C PHE D 108 -34.47 -1.61 -1.67
N PRO D 109 -35.80 -1.50 -1.73
CA PRO D 109 -36.50 -0.70 -2.74
C PRO D 109 -35.93 0.71 -2.92
N ASN D 110 -35.85 1.15 -4.17
CA ASN D 110 -35.35 2.49 -4.50
C ASN D 110 -36.57 3.41 -4.36
N ARG D 111 -36.98 3.60 -3.11
CA ARG D 111 -38.16 4.41 -2.77
C ARG D 111 -38.16 5.82 -3.35
N LEU D 112 -36.99 6.45 -3.41
CA LEU D 112 -36.89 7.80 -3.94
C LEU D 112 -36.78 7.84 -5.46
N ASN D 113 -36.68 6.68 -6.09
CA ASN D 113 -36.52 6.61 -7.54
C ASN D 113 -35.27 7.35 -8.01
N LEU D 114 -34.20 7.21 -7.22
CA LEU D 114 -32.95 7.87 -7.57
C LEU D 114 -32.38 7.33 -8.90
N GLU D 115 -32.04 8.27 -9.80
CA GLU D 115 -31.22 7.87 -10.95
C GLU D 115 -29.72 8.01 -10.67
N ALA D 116 -29.39 8.58 -9.48
CA ALA D 116 -27.98 8.63 -9.09
C ALA D 116 -27.83 8.77 -7.58
N ILE D 117 -26.68 8.30 -7.08
CA ILE D 117 -26.33 8.55 -5.71
C ILE D 117 -25.12 9.48 -5.64
N ASN D 118 -25.28 10.64 -5.00
CA ASN D 118 -24.20 11.61 -4.92
C ASN D 118 -23.72 11.92 -3.51
N TYR D 119 -24.37 11.33 -2.51
CA TYR D 119 -24.03 11.63 -1.13
C TYR D 119 -23.84 10.39 -0.26
N MET D 120 -22.83 10.44 0.60
CA MET D 120 -22.53 9.36 1.53
C MET D 120 -21.94 9.94 2.80
N ALA D 121 -22.42 9.48 3.94
CA ALA D 121 -21.90 9.93 5.21
C ALA D 121 -21.98 8.80 6.24
N ALA D 122 -20.86 8.62 6.94
CA ALA D 122 -20.84 7.64 8.01
C ALA D 122 -20.73 8.34 9.36
N ASP D 123 -21.25 7.67 10.40
CA ASP D 123 -21.04 8.21 11.73
C ASP D 123 -19.67 7.78 12.30
N GLY D 124 -19.37 8.24 13.52
CA GLY D 124 -18.05 7.99 14.08
C GLY D 124 -17.76 6.50 14.24
N ASP D 125 -18.79 5.67 14.37
CA ASP D 125 -18.59 4.25 14.59
C ASP D 125 -18.09 3.46 13.39
N PHE D 126 -18.05 4.09 12.22
CA PHE D 126 -17.57 3.43 11.01
C PHE D 126 -16.53 4.35 10.35
N LYS D 127 -15.25 4.10 10.64
CA LYS D 127 -14.15 4.90 10.10
C LYS D 127 -13.79 4.44 8.70
N ILE D 128 -14.24 5.19 7.70
CA ILE D 128 -13.99 4.83 6.31
C ILE D 128 -12.50 4.91 5.93
N LYS D 129 -11.97 3.80 5.41
CA LYS D 129 -10.57 3.72 5.02
C LYS D 129 -10.38 3.81 3.51
N CYS D 130 -11.42 3.45 2.76
CA CYS D 130 -11.33 3.52 1.31
C CYS D 130 -12.70 3.45 0.64
N VAL D 131 -12.78 4.06 -0.53
CA VAL D 131 -14.00 4.08 -1.31
C VAL D 131 -13.60 3.82 -2.75
N ALA D 132 -14.34 2.96 -3.43
CA ALA D 132 -14.04 2.66 -4.83
C ALA D 132 -15.32 2.65 -5.67
N PHE D 133 -15.19 3.02 -6.94
CA PHE D 133 -16.32 3.06 -7.87
C PHE D 133 -16.00 2.24 -9.12
N ASP D 134 -16.67 1.11 -9.30
CA ASP D 134 -16.41 0.27 -10.47
C ASP D 134 -17.50 0.34 -11.52
S SO4 E . 7.73 -36.76 9.02
O1 SO4 E . 6.70 -36.94 7.98
O2 SO4 E . 8.19 -35.35 9.01
O3 SO4 E . 7.15 -37.07 10.34
O4 SO4 E . 8.87 -37.66 8.75
C1 BME F . -1.80 -15.46 -5.56
C2 BME F . -1.16 -14.42 -4.63
O1 BME F . -1.00 -16.65 -5.56
S2 BME F . -1.92 -12.77 -4.79
C1 BME G . 6.29 -8.80 -7.23
C2 BME G . 6.25 -10.32 -7.13
O1 BME G . 5.47 -8.36 -8.32
S2 BME G . 7.18 -10.98 -5.69
C1 GOL H . -11.37 -7.59 8.94
O1 GOL H . -11.68 -8.73 8.14
C2 GOL H . -9.86 -7.31 8.90
O2 GOL H . -9.46 -7.04 7.56
C3 GOL H . -9.56 -6.09 9.77
O3 GOL H . -10.00 -6.35 11.12
C1 GOL I . -1.95 -30.96 14.59
O1 GOL I . -0.57 -30.62 14.58
C2 GOL I . -2.29 -31.72 13.30
O2 GOL I . -1.65 -33.00 13.33
C3 GOL I . -3.80 -31.95 13.21
O3 GOL I . -4.18 -32.94 14.18
C1 BME J . 18.59 -1.15 -14.80
C2 BME J . 17.81 -2.33 -15.33
O1 BME J . 17.72 -0.01 -14.66
S2 BME J . 18.83 -3.83 -15.60
S SO4 K . -7.94 0.08 -13.14
O1 SO4 K . -6.62 0.18 -13.78
O2 SO4 K . -8.34 -1.34 -13.07
O3 SO4 K . -7.85 0.63 -11.78
O4 SO4 K . -8.93 0.83 -13.94
C1 GOL L . 10.86 15.66 5.80
O1 GOL L . 9.97 15.46 4.70
C2 GOL L . 11.33 17.11 5.80
O2 GOL L . 10.20 17.98 5.86
C3 GOL L . 12.23 17.35 7.02
O3 GOL L . 12.67 18.71 7.02
S SO4 M . -33.01 -6.26 -8.71
O1 SO4 M . -32.55 -7.65 -8.59
O2 SO4 M . -32.90 -5.80 -10.11
O3 SO4 M . -34.41 -6.16 -8.28
O4 SO4 M . -32.18 -5.41 -7.84
#